data_5TA6
#
_entry.id   5TA6
#
_cell.length_a   66.303
_cell.length_b   66.303
_cell.length_c   153.115
_cell.angle_alpha   90.000
_cell.angle_beta   90.000
_cell.angle_gamma   120.000
#
_symmetry.space_group_name_H-M   'P 32 2 1'
#
loop_
_entity.id
_entity.type
_entity.pdbx_description
1 polymer 'Serine/threonine-protein kinase PLK1'
2 non-polymer 4-{[(6R)-7-cyano-5-cyclopentyl-6-ethyl-5,6-dihydroimidazo[1,5-f]pteridin-3-yl]amino}-3-methoxy-N-(1-methylpiperidin-4-yl)benzamide
3 non-polymer 'ZINC ION'
4 water water
#
_entity_poly.entity_id   1
_entity_poly.type   'polypeptide(L)'
_entity_poly.pdbx_seq_one_letter_code
;MSYYHHHHHHDYDIPTTENLYFQGAAPADPGKAGVPGVAAPGAPAAAPPAKEIPEVLVDPRSRRRYVRGRFLGKGGFAKC
FEISDADTKEVFAGKIVPKSLLLKPHQREKMSMEISIHRSLAHQHVVGFHGFFEDNDFVFVVLELCRRRSLLELHKRRKA
LTEPEARYYLRQIVLGCQYLHRNRVIHRDLKLGNLFLNEDLEVKIGDFGLATKVEYDGERKKVLCGTPNYIAPEVLSKKG
HSFEVDVWSIGCIMYTLLVGKPPFETSCLKETYLRIKKNEYSIPKHINPVAASLIQKMLQTDPTARPTINELLNDEFFTS
GYIPARLPITCLTIPPRFSIAPSSLDPSNRKPLTVLNK
;
_entity_poly.pdbx_strand_id   A
#
# COMPACT_ATOMS: atom_id res chain seq x y z
N ALA A 50 19.00 7.23 -26.53
CA ALA A 50 17.79 6.73 -25.82
C ALA A 50 18.13 6.12 -24.44
N LYS A 51 19.31 5.50 -24.32
CA LYS A 51 19.76 4.86 -23.06
C LYS A 51 18.96 3.59 -22.75
N GLU A 52 19.57 2.46 -23.08
CA GLU A 52 18.89 1.18 -23.06
C GLU A 52 19.01 0.54 -21.69
N ILE A 53 17.96 -0.13 -21.24
CA ILE A 53 18.02 -0.95 -20.03
C ILE A 53 18.70 -2.29 -20.34
N PRO A 54 19.70 -2.69 -19.52
CA PRO A 54 20.42 -3.94 -19.82
C PRO A 54 19.53 -5.19 -19.75
N GLU A 55 19.86 -6.19 -20.56
CA GLU A 55 19.13 -7.46 -20.55
C GLU A 55 19.44 -8.23 -19.27
N VAL A 56 20.65 -8.06 -18.75
CA VAL A 56 21.06 -8.64 -17.47
C VAL A 56 21.51 -7.54 -16.49
N LEU A 57 21.06 -7.64 -15.25
CA LEU A 57 21.37 -6.65 -14.21
C LEU A 57 22.34 -7.28 -13.22
N VAL A 58 23.51 -6.67 -13.07
CA VAL A 58 24.53 -7.29 -12.23
C VAL A 58 24.92 -6.36 -11.08
N ASP A 59 24.76 -6.89 -9.87
CA ASP A 59 25.10 -6.19 -8.66
C ASP A 59 26.58 -6.46 -8.43
N PRO A 60 27.44 -5.48 -8.72
CA PRO A 60 28.88 -5.74 -8.65
C PRO A 60 29.35 -6.14 -7.24
N ARG A 61 28.67 -5.61 -6.22
CA ARG A 61 29.02 -5.82 -4.82
C ARG A 61 28.59 -7.20 -4.34
N SER A 62 27.30 -7.47 -4.43
CA SER A 62 26.76 -8.77 -4.05
C SER A 62 27.13 -9.89 -5.05
N ARG A 63 27.50 -9.50 -6.28
CA ARG A 63 27.93 -10.46 -7.31
C ARG A 63 26.75 -11.28 -7.86
N ARG A 64 25.53 -10.85 -7.55
CA ARG A 64 24.32 -11.47 -8.08
C ARG A 64 24.01 -10.91 -9.45
N ARG A 65 23.45 -11.74 -10.31
CA ARG A 65 23.06 -11.35 -11.66
C ARG A 65 21.60 -11.71 -11.88
N TYR A 66 20.80 -10.73 -12.26
CA TYR A 66 19.38 -10.94 -12.51
C TYR A 66 19.09 -10.80 -14.00
N VAL A 67 18.39 -11.78 -14.55
CA VAL A 67 17.96 -11.75 -15.93
C VAL A 67 16.66 -10.99 -15.95
N ARG A 68 16.59 -9.97 -16.80
CA ARG A 68 15.39 -9.16 -16.96
C ARG A 68 14.37 -9.90 -17.82
N GLY A 69 13.16 -10.05 -17.31
CA GLY A 69 12.11 -10.84 -17.98
C GLY A 69 10.92 -9.97 -18.32
N ARG A 70 9.71 -10.48 -18.08
CA ARG A 70 8.46 -9.83 -18.48
C ARG A 70 8.33 -8.42 -17.92
N PHE A 71 8.06 -7.46 -18.80
CA PHE A 71 7.66 -6.11 -18.39
C PHE A 71 6.37 -6.16 -17.57
N LEU A 72 6.33 -5.38 -16.49
CA LEU A 72 5.21 -5.36 -15.55
C LEU A 72 4.42 -4.05 -15.59
N GLY A 73 5.06 -2.97 -16.03
CA GLY A 73 4.41 -1.66 -16.12
C GLY A 73 5.25 -0.55 -15.52
N LYS A 74 4.80 0.68 -15.69
CA LYS A 74 5.42 1.86 -15.06
C LYS A 74 5.09 1.90 -13.57
N GLY A 75 5.96 2.55 -12.80
CA GLY A 75 5.73 2.82 -11.38
C GLY A 75 6.31 4.18 -11.06
N GLY A 76 5.70 5.22 -11.64
CA GLY A 76 6.25 6.57 -11.60
C GLY A 76 7.35 6.71 -12.64
N PHE A 77 8.53 7.13 -12.20
CA PHE A 77 9.70 7.21 -13.09
C PHE A 77 10.20 5.82 -13.50
N ALA A 78 9.70 4.78 -12.85
CA ALA A 78 10.27 3.46 -12.99
C ALA A 78 9.58 2.63 -14.06
N LYS A 79 10.37 1.82 -14.76
CA LYS A 79 9.84 0.71 -15.54
C LYS A 79 10.09 -0.51 -14.66
N CYS A 80 9.12 -1.42 -14.62
CA CYS A 80 9.19 -2.58 -13.74
C CYS A 80 9.12 -3.87 -14.53
N PHE A 81 9.92 -4.86 -14.13
CA PHE A 81 10.07 -6.13 -14.84
C PHE A 81 10.20 -7.31 -13.87
N GLU A 82 9.72 -8.48 -14.29
CA GLU A 82 10.09 -9.72 -13.62
C GLU A 82 11.57 -9.92 -13.88
N ILE A 83 12.36 -10.05 -12.82
CA ILE A 83 13.77 -10.34 -12.98
C ILE A 83 14.08 -11.59 -12.18
N SER A 84 15.01 -12.41 -12.67
CA SER A 84 15.31 -13.69 -12.03
C SER A 84 16.82 -13.87 -11.85
N ASP A 85 17.19 -14.33 -10.65
CA ASP A 85 18.58 -14.54 -10.24
C ASP A 85 19.23 -15.69 -11.04
N ALA A 86 20.48 -15.50 -11.42
CA ALA A 86 21.15 -16.45 -12.31
C ALA A 86 21.47 -17.78 -11.63
N ASP A 87 21.98 -17.70 -10.41
CA ASP A 87 22.32 -18.90 -9.64
C ASP A 87 21.09 -19.62 -9.12
N THR A 88 20.19 -18.87 -8.47
CA THR A 88 19.08 -19.47 -7.75
C THR A 88 17.81 -19.58 -8.58
N LYS A 89 17.72 -18.81 -9.66
CA LYS A 89 16.56 -18.81 -10.57
C LYS A 89 15.33 -18.22 -9.89
N GLU A 90 15.52 -17.64 -8.70
CA GLU A 90 14.44 -17.06 -7.92
C GLU A 90 13.98 -15.77 -8.60
N VAL A 91 12.67 -15.55 -8.59
CA VAL A 91 12.07 -14.49 -9.41
C VAL A 91 11.61 -13.35 -8.53
N PHE A 92 12.01 -12.14 -8.90
CA PHE A 92 11.73 -10.94 -8.14
C PHE A 92 11.04 -9.92 -9.03
N ALA A 93 10.52 -8.88 -8.40
CA ALA A 93 10.05 -7.70 -9.12
C ALA A 93 11.16 -6.66 -9.09
N GLY A 94 11.57 -6.21 -10.28
CA GLY A 94 12.63 -5.22 -10.41
C GLY A 94 12.10 -3.85 -10.74
N LYS A 95 12.58 -2.84 -10.02
CA LYS A 95 12.14 -1.47 -10.23
C LYS A 95 13.34 -0.70 -10.80
N ILE A 96 13.26 -0.37 -12.09
CA ILE A 96 14.38 0.23 -12.80
C ILE A 96 14.03 1.68 -13.09
N VAL A 97 14.87 2.58 -12.60
CA VAL A 97 14.60 4.00 -12.76
C VAL A 97 15.87 4.63 -13.29
N PRO A 98 15.77 5.34 -14.43
CA PRO A 98 16.97 5.91 -15.02
C PRO A 98 17.44 7.12 -14.25
N LYS A 99 18.75 7.21 -14.08
CA LYS A 99 19.37 8.36 -13.41
C LYS A 99 19.16 9.66 -14.18
N SER A 100 18.78 9.57 -15.45
CA SER A 100 18.46 10.77 -16.22
C SER A 100 17.19 11.49 -15.70
N LEU A 101 16.37 10.78 -14.93
CA LEU A 101 15.22 11.37 -14.26
C LEU A 101 15.50 11.73 -12.79
N LEU A 102 16.76 11.53 -12.38
CA LEU A 102 17.22 11.78 -11.02
C LEU A 102 18.34 12.82 -11.05
N LEU A 103 18.16 13.85 -11.89
CA LEU A 103 19.15 14.90 -12.04
C LEU A 103 19.21 15.85 -10.87
N LYS A 104 18.15 15.89 -10.07
CA LYS A 104 18.01 16.87 -9.02
C LYS A 104 18.20 16.16 -7.68
N PRO A 105 19.08 16.71 -6.81
CA PRO A 105 19.35 16.13 -5.49
C PRO A 105 18.09 15.76 -4.69
N HIS A 106 17.10 16.65 -4.69
CA HIS A 106 15.84 16.38 -4.02
C HIS A 106 15.19 15.09 -4.54
N GLN A 107 15.18 14.87 -5.86
CA GLN A 107 14.61 13.64 -6.42
C GLN A 107 15.45 12.44 -5.99
N ARG A 108 16.77 12.60 -5.95
CA ARG A 108 17.66 11.54 -5.47
C ARG A 108 17.49 11.24 -3.99
N GLU A 109 17.28 12.28 -3.20
CA GLU A 109 17.16 12.12 -1.76
C GLU A 109 15.93 11.29 -1.39
N LYS A 110 14.83 11.51 -2.11
CA LYS A 110 13.58 10.77 -1.88
C LYS A 110 13.74 9.28 -2.11
N MET A 111 14.37 8.94 -3.22
CA MET A 111 14.64 7.56 -3.58
C MET A 111 15.60 6.93 -2.58
N SER A 112 16.60 7.69 -2.17
CA SER A 112 17.58 7.27 -1.20
C SER A 112 16.88 6.91 0.13
N MET A 113 15.88 7.70 0.49
CA MET A 113 15.15 7.54 1.74
C MET A 113 14.20 6.36 1.61
N GLU A 114 13.51 6.29 0.48
CA GLU A 114 12.67 5.15 0.19
C GLU A 114 13.41 3.83 0.47
N ILE A 115 14.61 3.69 -0.07
CA ILE A 115 15.41 2.48 0.12
C ILE A 115 15.86 2.31 1.57
N SER A 116 16.41 3.37 2.14
CA SER A 116 16.74 3.44 3.55
C SER A 116 15.63 2.88 4.45
N ILE A 117 14.42 3.38 4.26
CA ILE A 117 13.28 2.94 5.04
C ILE A 117 12.96 1.48 4.75
N HIS A 118 12.86 1.16 3.46
CA HIS A 118 12.35 -0.14 3.08
C HIS A 118 13.34 -1.27 3.38
N ARG A 119 14.62 -1.03 3.17
CA ARG A 119 15.64 -2.05 3.45
C ARG A 119 15.65 -2.49 4.91
N SER A 120 15.17 -1.63 5.81
CA SER A 120 15.19 -1.90 7.24
C SER A 120 13.95 -2.64 7.73
N LEU A 121 13.03 -2.95 6.82
CA LEU A 121 11.75 -3.53 7.16
C LEU A 121 11.67 -4.98 6.72
N ALA A 122 11.08 -5.81 7.55
CA ALA A 122 10.78 -7.21 7.20
C ALA A 122 9.53 -7.63 7.94
N HIS A 123 8.47 -7.96 7.20
CA HIS A 123 7.23 -8.43 7.82
C HIS A 123 6.39 -9.23 6.82
N GLN A 124 5.58 -10.13 7.34
CA GLN A 124 4.73 -10.99 6.52
C GLN A 124 3.80 -10.20 5.57
N HIS A 125 3.49 -8.98 5.96
CA HIS A 125 2.53 -8.17 5.25
C HIS A 125 3.16 -6.91 4.72
N VAL A 126 4.47 -6.95 4.54
CA VAL A 126 5.21 -5.90 3.84
C VAL A 126 5.99 -6.57 2.73
N VAL A 127 6.04 -5.88 1.59
CA VAL A 127 6.74 -6.36 0.42
C VAL A 127 8.23 -6.55 0.78
N GLY A 128 8.73 -7.78 0.61
CA GLY A 128 10.12 -8.07 0.91
C GLY A 128 11.07 -7.22 0.11
N PHE A 129 12.02 -6.57 0.80
CA PHE A 129 13.10 -5.83 0.16
C PHE A 129 14.30 -6.77 0.02
N HIS A 130 14.70 -7.01 -1.23
CA HIS A 130 15.77 -7.96 -1.51
C HIS A 130 17.06 -7.30 -1.94
N GLY A 131 16.99 -6.08 -2.45
CA GLY A 131 18.19 -5.28 -2.65
C GLY A 131 18.01 -4.11 -3.59
N PHE A 132 19.09 -3.37 -3.76
CA PHE A 132 19.17 -2.27 -4.72
C PHE A 132 20.61 -2.17 -5.22
N PHE A 133 20.77 -1.61 -6.39
CA PHE A 133 22.11 -1.31 -6.89
C PHE A 133 22.00 -0.39 -8.10
N GLU A 134 23.13 0.07 -8.60
CA GLU A 134 23.13 1.03 -9.68
C GLU A 134 24.32 0.83 -10.59
N ASP A 135 24.15 1.17 -11.86
CA ASP A 135 25.26 1.48 -12.75
C ASP A 135 25.17 2.99 -12.98
N ASN A 136 25.94 3.53 -13.89
CA ASN A 136 25.93 4.97 -14.11
C ASN A 136 24.66 5.52 -14.80
N ASP A 137 23.83 4.62 -15.32
CA ASP A 137 22.65 5.02 -16.07
C ASP A 137 21.33 4.78 -15.32
N PHE A 138 21.31 3.80 -14.41
CA PHE A 138 20.08 3.33 -13.79
C PHE A 138 20.18 3.00 -12.31
N VAL A 139 19.03 3.10 -11.64
CA VAL A 139 18.87 2.54 -10.31
C VAL A 139 17.94 1.31 -10.39
N PHE A 140 18.44 0.17 -9.91
CA PHE A 140 17.69 -1.09 -9.83
C PHE A 140 17.36 -1.43 -8.38
N VAL A 141 16.08 -1.69 -8.12
CA VAL A 141 15.61 -2.11 -6.80
C VAL A 141 14.91 -3.45 -6.94
N VAL A 142 15.38 -4.45 -6.19
CA VAL A 142 14.87 -5.83 -6.26
C VAL A 142 13.83 -6.03 -5.17
N LEU A 143 12.60 -6.31 -5.55
CA LEU A 143 11.50 -6.44 -4.58
C LEU A 143 10.78 -7.76 -4.72
N GLU A 144 9.97 -8.08 -3.72
CA GLU A 144 9.21 -9.31 -3.72
C GLU A 144 8.23 -9.27 -4.87
N LEU A 145 8.21 -10.32 -5.68
CA LEU A 145 7.19 -10.43 -6.73
C LEU A 145 5.88 -10.92 -6.10
N CYS A 146 4.84 -10.10 -6.22
CA CYS A 146 3.52 -10.46 -5.76
C CYS A 146 2.68 -10.80 -6.98
N ARG A 147 2.48 -12.10 -7.19
CA ARG A 147 2.06 -12.59 -8.50
C ARG A 147 0.59 -12.34 -8.77
N ARG A 148 -0.14 -11.92 -7.75
CA ARG A 148 -1.57 -11.65 -7.84
C ARG A 148 -1.81 -10.14 -7.93
N ARG A 149 -0.72 -9.40 -8.15
CA ARG A 149 -0.80 -7.97 -8.35
C ARG A 149 -1.28 -7.25 -7.09
N SER A 150 -2.31 -6.42 -7.16
CA SER A 150 -2.71 -5.64 -6.01
C SER A 150 -4.21 -5.67 -5.81
N LEU A 151 -4.65 -5.09 -4.71
CA LEU A 151 -6.08 -4.92 -4.45
C LEU A 151 -6.76 -4.00 -5.45
N LEU A 152 -6.01 -3.13 -6.11
CA LEU A 152 -6.61 -2.28 -7.10
C LEU A 152 -7.19 -3.15 -8.20
N GLU A 153 -6.40 -4.14 -8.62
CA GLU A 153 -6.79 -5.06 -9.69
C GLU A 153 -7.97 -5.94 -9.23
N LEU A 154 -7.96 -6.33 -7.97
CA LEU A 154 -9.10 -7.03 -7.37
C LEU A 154 -10.35 -6.14 -7.39
N HIS A 155 -10.18 -4.90 -6.96
CA HIS A 155 -11.29 -3.95 -6.89
C HIS A 155 -11.94 -3.76 -8.25
N LYS A 156 -11.12 -3.67 -9.29
CA LYS A 156 -11.62 -3.42 -10.62
C LYS A 156 -12.38 -4.61 -11.18
N ARG A 157 -12.08 -5.80 -10.69
CA ARG A 157 -12.78 -6.99 -11.14
C ARG A 157 -14.03 -7.27 -10.29
N ARG A 158 -13.95 -7.05 -9.00
CA ARG A 158 -15.01 -7.45 -8.07
C ARG A 158 -15.83 -6.29 -7.53
N LYS A 159 -15.34 -5.07 -7.67
CA LYS A 159 -15.95 -3.90 -7.04
C LYS A 159 -16.09 -4.10 -5.53
N ALA A 160 -17.30 -3.98 -4.95
CA ALA A 160 -17.45 -4.18 -3.50
C ALA A 160 -17.25 -5.64 -3.17
N LEU A 161 -16.50 -5.89 -2.10
CA LEU A 161 -16.24 -7.25 -1.65
C LEU A 161 -17.29 -7.68 -0.64
N THR A 162 -17.30 -8.96 -0.30
CA THR A 162 -18.12 -9.43 0.78
C THR A 162 -17.45 -9.02 2.09
N GLU A 163 -18.22 -8.97 3.17
CA GLU A 163 -17.72 -8.49 4.45
C GLU A 163 -16.51 -9.31 4.95
N PRO A 164 -16.60 -10.65 4.90
CA PRO A 164 -15.49 -11.46 5.42
C PRO A 164 -14.22 -11.34 4.59
N GLU A 165 -14.36 -11.17 3.27
CA GLU A 165 -13.18 -10.82 2.46
C GLU A 165 -12.58 -9.50 2.90
N ALA A 166 -13.43 -8.52 3.12
CA ALA A 166 -12.96 -7.22 3.57
C ALA A 166 -12.24 -7.37 4.91
N ARG A 167 -12.86 -8.11 5.81
CA ARG A 167 -12.25 -8.38 7.13
C ARG A 167 -10.89 -9.02 6.97
N TYR A 168 -10.82 -9.98 6.05
CA TYR A 168 -9.58 -10.72 5.80
C TYR A 168 -8.48 -9.78 5.34
N TYR A 169 -8.78 -9.00 4.31
CA TYR A 169 -7.75 -8.16 3.75
C TYR A 169 -7.39 -7.05 4.70
N LEU A 170 -8.37 -6.48 5.38
CA LEU A 170 -8.12 -5.36 6.28
C LEU A 170 -7.23 -5.74 7.45
N ARG A 171 -7.44 -6.93 7.99
CA ARG A 171 -6.65 -7.42 9.09
C ARG A 171 -5.16 -7.51 8.70
N GLN A 172 -4.90 -7.98 7.49
CA GLN A 172 -3.53 -8.08 7.01
C GLN A 172 -2.97 -6.70 6.71
N ILE A 173 -3.82 -5.81 6.21
CA ILE A 173 -3.42 -4.43 6.01
C ILE A 173 -3.05 -3.82 7.34
N VAL A 174 -3.84 -4.12 8.37
CA VAL A 174 -3.63 -3.55 9.69
C VAL A 174 -2.39 -4.14 10.34
N LEU A 175 -2.21 -5.45 10.27
CA LEU A 175 -1.02 -6.08 10.85
C LEU A 175 0.24 -5.49 10.25
N GLY A 176 0.27 -5.35 8.93
CA GLY A 176 1.40 -4.72 8.27
C GLY A 176 1.66 -3.29 8.74
N CYS A 177 0.60 -2.54 8.98
CA CYS A 177 0.76 -1.16 9.38
C CYS A 177 1.09 -1.03 10.88
N GLN A 178 0.57 -1.93 11.69
CA GLN A 178 1.01 -2.03 13.09
C GLN A 178 2.52 -2.16 13.09
N TYR A 179 3.01 -3.08 12.27
CA TYR A 179 4.42 -3.30 12.16
C TYR A 179 5.14 -1.99 11.81
N LEU A 180 4.65 -1.29 10.79
CA LEU A 180 5.30 -0.05 10.32
C LEU A 180 5.35 0.97 11.42
N HIS A 181 4.20 1.20 12.04
CA HIS A 181 4.09 2.18 13.10
C HIS A 181 4.98 1.85 14.29
N ARG A 182 5.01 0.58 14.67
CA ARG A 182 5.90 0.10 15.73
C ARG A 182 7.37 0.46 15.43
N ASN A 183 7.75 0.40 14.15
CA ASN A 183 9.09 0.78 13.72
C ASN A 183 9.21 2.26 13.33
N ARG A 184 8.24 3.07 13.74
CA ARG A 184 8.23 4.53 13.57
C ARG A 184 8.08 4.98 12.10
N VAL A 185 7.50 4.13 11.27
CA VAL A 185 7.39 4.43 9.84
C VAL A 185 5.95 4.75 9.53
N ILE A 186 5.73 5.86 8.82
CA ILE A 186 4.40 6.18 8.30
C ILE A 186 4.46 5.95 6.81
N HIS A 187 3.56 5.15 6.27
CA HIS A 187 3.55 4.87 4.85
C HIS A 187 3.16 6.10 4.03
N ARG A 188 2.01 6.70 4.40
CA ARG A 188 1.50 7.96 3.84
C ARG A 188 0.95 7.88 2.41
N ASP A 189 0.85 6.67 1.88
CA ASP A 189 0.19 6.46 0.61
C ASP A 189 -0.40 5.08 0.54
N LEU A 190 -1.01 4.63 1.62
CA LEU A 190 -1.71 3.37 1.57
C LEU A 190 -2.92 3.51 0.64
N LYS A 191 -2.92 2.72 -0.42
CA LYS A 191 -4.04 2.63 -1.34
C LYS A 191 -4.06 1.22 -1.90
N LEU A 192 -5.09 0.92 -2.68
CA LEU A 192 -5.25 -0.42 -3.21
C LEU A 192 -4.09 -0.83 -4.11
N GLY A 193 -3.55 0.13 -4.86
CA GLY A 193 -2.46 -0.14 -5.78
C GLY A 193 -1.17 -0.52 -5.09
N ASN A 194 -1.05 -0.16 -3.81
CA ASN A 194 0.16 -0.40 -3.01
C ASN A 194 0.02 -1.60 -2.11
N LEU A 195 -1.13 -2.25 -2.18
CA LEU A 195 -1.43 -3.37 -1.32
C LEU A 195 -1.44 -4.57 -2.22
N PHE A 196 -0.25 -5.19 -2.33
CA PHE A 196 -0.01 -6.29 -3.23
C PHE A 196 -0.46 -7.62 -2.63
N LEU A 197 -0.63 -8.61 -3.48
CA LEU A 197 -1.13 -9.90 -3.09
C LEU A 197 -0.23 -10.94 -3.70
N ASN A 198 0.25 -11.86 -2.86
CA ASN A 198 1.10 -12.95 -3.32
C ASN A 198 0.21 -14.09 -3.83
N GLU A 199 0.82 -15.25 -4.08
CA GLU A 199 0.11 -16.39 -4.63
C GLU A 199 -1.02 -16.90 -3.73
N ASP A 200 -0.83 -16.76 -2.42
CA ASP A 200 -1.84 -17.14 -1.42
C ASP A 200 -2.77 -16.00 -1.01
N LEU A 201 -2.90 -14.98 -1.85
CA LEU A 201 -3.75 -13.81 -1.54
C LEU A 201 -3.45 -13.20 -0.17
N GLU A 202 -2.17 -13.10 0.16
CA GLU A 202 -1.72 -12.42 1.37
C GLU A 202 -1.33 -11.00 0.97
N VAL A 203 -1.65 -10.06 1.83
CA VAL A 203 -1.49 -8.66 1.51
C VAL A 203 -0.05 -8.32 1.83
N LYS A 204 0.56 -7.58 0.93
CA LYS A 204 1.88 -7.04 1.15
C LYS A 204 1.91 -5.56 0.84
N ILE A 205 2.11 -4.76 1.87
CA ILE A 205 2.24 -3.33 1.72
C ILE A 205 3.52 -3.03 1.00
N GLY A 206 3.41 -2.28 -0.09
CA GLY A 206 4.56 -1.85 -0.87
C GLY A 206 4.59 -0.37 -1.15
N ASP A 207 5.65 0.02 -1.84
CA ASP A 207 5.89 1.39 -2.32
C ASP A 207 6.04 2.37 -1.19
N PHE A 208 7.27 2.47 -0.71
CA PHE A 208 7.59 3.38 0.38
C PHE A 208 8.13 4.72 -0.10
N GLY A 209 7.70 5.12 -1.29
CA GLY A 209 8.13 6.36 -1.92
C GLY A 209 7.61 7.61 -1.22
N LEU A 210 6.52 7.51 -0.49
CA LEU A 210 6.06 8.68 0.28
C LEU A 210 6.24 8.48 1.78
N ALA A 211 6.86 7.38 2.15
CA ALA A 211 6.99 7.01 3.54
C ALA A 211 7.95 7.95 4.23
N THR A 212 7.86 7.99 5.55
CA THR A 212 8.73 8.82 6.36
C THR A 212 8.91 8.19 7.73
N LYS A 213 10.08 8.43 8.32
CA LYS A 213 10.48 7.92 9.61
C LYS A 213 10.25 9.00 10.67
N VAL A 214 9.46 8.69 11.69
CA VAL A 214 9.34 9.57 12.85
C VAL A 214 10.63 9.44 13.68
N GLU A 215 11.28 10.58 13.90
CA GLU A 215 12.58 10.64 14.55
C GLU A 215 12.51 10.99 16.04
N TYR A 216 11.39 11.55 16.49
CA TYR A 216 11.20 11.90 17.90
C TYR A 216 9.73 11.93 18.25
N ASP A 217 9.43 11.78 19.53
CA ASP A 217 8.08 11.57 20.00
C ASP A 217 7.26 12.84 19.87
N GLY A 218 6.06 12.71 19.28
CA GLY A 218 5.16 13.84 19.05
C GLY A 218 5.51 14.69 17.83
N GLU A 219 6.40 14.21 16.96
CA GLU A 219 6.81 14.94 15.75
C GLU A 219 5.66 15.09 14.77
N ARG A 220 5.36 16.33 14.40
CA ARG A 220 4.36 16.60 13.37
C ARG A 220 5.14 16.91 12.10
N LYS A 221 5.09 15.98 11.15
CA LYS A 221 5.70 16.18 9.84
C LYS A 221 4.94 17.30 9.14
N LYS A 222 5.67 18.31 8.66
CA LYS A 222 5.04 19.50 8.08
C LYS A 222 4.85 19.40 6.58
N VAL A 223 5.54 18.47 5.96
CA VAL A 223 5.66 18.41 4.52
C VAL A 223 5.36 16.99 4.08
N LEU A 224 4.87 16.85 2.86
CA LEU A 224 4.64 15.55 2.25
C LEU A 224 4.76 15.77 0.77
N CYS A 225 5.93 15.48 0.23
CA CYS A 225 6.17 15.74 -1.17
C CYS A 225 5.67 14.52 -1.91
N GLY A 226 4.59 14.71 -2.65
CA GLY A 226 3.81 13.63 -3.21
C GLY A 226 2.34 13.95 -3.05
N THR A 227 1.50 13.25 -3.78
CA THR A 227 0.07 13.38 -3.58
C THR A 227 -0.53 11.97 -3.35
N PRO A 228 -0.70 11.61 -2.08
CA PRO A 228 -1.37 10.37 -1.79
C PRO A 228 -2.75 10.32 -2.39
N ASN A 229 -3.24 9.10 -2.60
CA ASN A 229 -4.60 8.86 -3.07
C ASN A 229 -5.64 9.17 -1.99
N TYR A 230 -5.56 8.51 -0.85
CA TYR A 230 -6.48 8.73 0.26
C TYR A 230 -5.82 9.66 1.26
N ILE A 231 -5.81 10.94 0.90
CA ILE A 231 -5.01 11.93 1.60
C ILE A 231 -5.80 12.51 2.76
N ALA A 232 -5.20 12.50 3.95
CA ALA A 232 -5.87 12.92 5.18
C ALA A 232 -6.04 14.42 5.25
N PRO A 233 -7.10 14.88 5.91
CA PRO A 233 -7.43 16.32 5.95
C PRO A 233 -6.35 17.22 6.56
N GLU A 234 -5.61 16.68 7.52
CA GLU A 234 -4.50 17.43 8.15
C GLU A 234 -3.33 17.69 7.19
N VAL A 235 -3.21 16.83 6.18
CA VAL A 235 -2.22 17.04 5.12
C VAL A 235 -2.72 18.12 4.17
N LEU A 236 -3.97 17.99 3.76
CA LEU A 236 -4.60 18.93 2.83
C LEU A 236 -4.68 20.34 3.40
N SER A 237 -4.93 20.45 4.70
CA SER A 237 -4.95 21.75 5.37
C SER A 237 -3.53 22.22 5.74
N LYS A 238 -2.54 21.33 5.60
CA LYS A 238 -1.14 21.62 5.93
C LYS A 238 -0.99 22.00 7.41
N LYS A 239 -1.70 21.28 8.27
CA LYS A 239 -1.68 21.51 9.71
C LYS A 239 -0.54 20.77 10.41
N GLY A 240 0.12 19.85 9.70
CA GLY A 240 1.09 18.95 10.30
C GLY A 240 0.46 17.60 10.60
N HIS A 241 1.20 16.53 10.38
CA HIS A 241 0.62 15.19 10.45
C HIS A 241 1.60 14.13 10.94
N SER A 242 1.04 12.96 11.27
CA SER A 242 1.84 11.83 11.71
C SER A 242 1.09 10.54 11.41
N PHE A 243 1.19 9.56 12.31
CA PHE A 243 0.68 8.21 12.09
C PHE A 243 -0.79 8.12 11.72
N GLU A 244 -1.58 9.11 12.06
CA GLU A 244 -3.03 8.98 11.96
C GLU A 244 -3.46 9.11 10.51
N VAL A 245 -2.53 9.60 9.71
CA VAL A 245 -2.65 9.65 8.27
C VAL A 245 -2.87 8.26 7.67
N ASP A 246 -2.19 7.25 8.22
CA ASP A 246 -2.31 5.90 7.68
C ASP A 246 -3.66 5.28 8.08
N VAL A 247 -4.15 5.61 9.27
CA VAL A 247 -5.46 5.13 9.74
C VAL A 247 -6.58 5.75 8.92
N TRP A 248 -6.39 7.01 8.53
CA TRP A 248 -7.30 7.63 7.59
C TRP A 248 -7.38 6.78 6.35
N SER A 249 -6.23 6.54 5.73
CA SER A 249 -6.18 5.82 4.46
C SER A 249 -6.82 4.45 4.60
N ILE A 250 -6.58 3.81 5.74
CA ILE A 250 -7.13 2.50 5.95
C ILE A 250 -8.66 2.61 6.02
N GLY A 251 -9.15 3.74 6.55
CA GLY A 251 -10.57 4.00 6.59
C GLY A 251 -11.15 4.07 5.20
N CYS A 252 -10.53 4.87 4.34
CA CYS A 252 -10.92 4.95 2.93
C CYS A 252 -10.85 3.61 2.22
N ILE A 253 -9.86 2.82 2.58
CA ILE A 253 -9.70 1.55 1.93
C ILE A 253 -10.81 0.61 2.33
N MET A 254 -11.12 0.62 3.62
CA MET A 254 -12.21 -0.18 4.12
C MET A 254 -13.51 0.17 3.40
N TYR A 255 -13.80 1.48 3.32
CA TYR A 255 -14.96 2.00 2.61
C TYR A 255 -14.96 1.47 1.20
N THR A 256 -13.89 1.73 0.47
CA THR A 256 -13.79 1.29 -0.91
C THR A 256 -14.08 -0.20 -1.06
N LEU A 257 -13.47 -1.01 -0.20
CA LEU A 257 -13.60 -2.47 -0.30
C LEU A 257 -15.03 -2.93 -0.12
N LEU A 258 -15.74 -2.27 0.78
CA LEU A 258 -17.11 -2.64 1.11
C LEU A 258 -18.14 -1.96 0.20
N VAL A 259 -17.93 -0.68 -0.08
CA VAL A 259 -18.89 0.09 -0.87
C VAL A 259 -18.74 -0.17 -2.36
N GLY A 260 -17.50 -0.33 -2.81
CA GLY A 260 -17.21 -0.54 -4.21
C GLY A 260 -16.76 0.74 -4.89
N LYS A 261 -16.73 1.84 -4.16
CA LYS A 261 -16.18 3.09 -4.67
C LYS A 261 -15.54 3.85 -3.52
N PRO A 262 -14.64 4.80 -3.84
CA PRO A 262 -13.99 5.56 -2.79
C PRO A 262 -14.89 6.61 -2.14
N PRO A 263 -14.67 6.88 -0.85
CA PRO A 263 -15.57 7.73 -0.09
C PRO A 263 -15.76 9.15 -0.62
N PHE A 264 -14.68 9.81 -1.05
CA PHE A 264 -14.77 11.23 -1.41
C PHE A 264 -14.65 11.49 -2.92
N GLU A 265 -14.81 10.44 -3.72
CA GLU A 265 -14.69 10.55 -5.16
C GLU A 265 -15.59 11.62 -5.77
N THR A 266 -15.01 12.42 -6.66
CA THR A 266 -15.71 13.34 -7.53
C THR A 266 -14.96 13.34 -8.86
N SER A 267 -15.43 14.13 -9.81
CA SER A 267 -14.77 14.27 -11.12
C SER A 267 -13.59 15.24 -11.09
N CYS A 268 -13.51 16.11 -10.09
CA CYS A 268 -12.35 17.01 -9.90
C CYS A 268 -11.61 16.67 -8.63
N LEU A 269 -10.30 16.53 -8.75
CA LEU A 269 -9.47 16.17 -7.62
C LEU A 269 -9.51 17.23 -6.52
N LYS A 270 -9.63 18.49 -6.92
CA LYS A 270 -9.76 19.59 -5.97
C LYS A 270 -11.12 19.63 -5.32
N GLU A 271 -12.16 19.22 -6.03
CA GLU A 271 -13.51 19.13 -5.43
C GLU A 271 -13.51 17.99 -4.39
N THR A 272 -12.68 16.99 -4.64
CA THR A 272 -12.54 15.84 -3.75
C THR A 272 -11.82 16.26 -2.47
N TYR A 273 -10.77 17.06 -2.63
CA TYR A 273 -10.02 17.59 -1.48
C TYR A 273 -10.90 18.51 -0.67
N LEU A 274 -11.80 19.20 -1.36
CA LEU A 274 -12.79 20.05 -0.73
C LEU A 274 -13.65 19.20 0.20
N ARG A 275 -14.13 18.07 -0.32
CA ARG A 275 -15.01 17.21 0.45
C ARG A 275 -14.30 16.59 1.65
N ILE A 276 -13.06 16.14 1.47
CA ILE A 276 -12.32 15.63 2.61
C ILE A 276 -12.26 16.65 3.73
N LYS A 277 -11.88 17.88 3.39
CA LYS A 277 -11.80 18.97 4.36
C LYS A 277 -13.11 19.07 5.17
N LYS A 278 -14.24 19.01 4.47
CA LYS A 278 -15.56 19.10 5.09
C LYS A 278 -16.02 17.81 5.77
N ASN A 279 -15.31 16.70 5.56
CA ASN A 279 -15.78 15.38 5.98
C ASN A 279 -17.13 15.09 5.32
N GLU A 280 -17.17 15.27 4.01
CA GLU A 280 -18.39 15.14 3.24
C GLU A 280 -18.39 13.80 2.48
N TYR A 281 -18.74 12.75 3.22
CA TYR A 281 -18.99 11.44 2.63
C TYR A 281 -20.25 10.89 3.27
N SER A 282 -20.66 9.73 2.80
CA SER A 282 -21.85 9.08 3.34
C SER A 282 -21.75 7.60 3.04
N ILE A 283 -22.13 6.80 4.02
CA ILE A 283 -22.08 5.36 3.91
C ILE A 283 -23.46 4.85 3.51
N PRO A 284 -23.55 4.11 2.40
CA PRO A 284 -24.83 3.54 1.99
C PRO A 284 -25.49 2.73 3.11
N LYS A 285 -26.80 2.64 3.08
CA LYS A 285 -27.54 1.90 4.10
C LYS A 285 -27.23 0.41 4.12
N HIS A 286 -26.94 -0.19 2.96
CA HIS A 286 -26.74 -1.65 2.87
C HIS A 286 -25.44 -2.13 3.54
N ILE A 287 -24.61 -1.18 4.00
CA ILE A 287 -23.45 -1.48 4.82
C ILE A 287 -23.87 -1.74 6.26
N ASN A 288 -23.31 -2.78 6.87
CA ASN A 288 -23.67 -3.12 8.25
C ASN A 288 -23.16 -2.08 9.25
N PRO A 289 -23.92 -1.86 10.33
CA PRO A 289 -23.61 -0.72 11.19
C PRO A 289 -22.28 -0.88 11.92
N VAL A 290 -21.89 -2.11 12.21
CA VAL A 290 -20.61 -2.37 12.89
C VAL A 290 -19.43 -1.99 12.00
N ALA A 291 -19.54 -2.33 10.72
CA ALA A 291 -18.56 -1.89 9.73
C ALA A 291 -18.59 -0.38 9.60
N ALA A 292 -19.80 0.15 9.44
CA ALA A 292 -20.02 1.58 9.24
C ALA A 292 -19.47 2.36 10.39
N SER A 293 -19.68 1.84 11.59
CA SER A 293 -19.22 2.49 12.79
C SER A 293 -17.70 2.65 12.71
N LEU A 294 -17.01 1.57 12.35
CA LEU A 294 -15.55 1.58 12.30
C LEU A 294 -15.04 2.57 11.26
N ILE A 295 -15.66 2.56 10.09
CA ILE A 295 -15.31 3.53 9.07
C ILE A 295 -15.42 4.94 9.66
N GLN A 296 -16.54 5.24 10.33
CA GLN A 296 -16.75 6.59 10.88
C GLN A 296 -15.66 7.02 11.84
N LYS A 297 -15.17 6.08 12.66
CA LYS A 297 -14.06 6.35 13.60
C LYS A 297 -12.75 6.68 12.90
N MET A 298 -12.49 5.96 11.83
CA MET A 298 -11.26 6.16 11.07
C MET A 298 -11.33 7.42 10.19
N LEU A 299 -12.51 7.75 9.69
CA LEU A 299 -12.68 8.93 8.83
C LEU A 299 -13.27 10.10 9.62
N GLN A 300 -12.51 10.58 10.58
CA GLN A 300 -12.84 11.81 11.29
C GLN A 300 -11.78 12.84 10.97
N THR A 301 -12.19 14.11 10.93
CA THR A 301 -11.32 15.18 10.48
C THR A 301 -10.22 15.44 11.48
N ASP A 302 -10.57 15.37 12.76
CA ASP A 302 -9.58 15.48 13.80
C ASP A 302 -8.79 14.19 13.88
N PRO A 303 -7.45 14.27 13.79
CA PRO A 303 -6.63 13.07 13.81
C PRO A 303 -6.57 12.37 15.16
N THR A 304 -6.74 13.11 16.24
CA THR A 304 -6.61 12.55 17.58
C THR A 304 -7.84 11.71 17.96
N ALA A 305 -8.95 11.91 17.26
CA ALA A 305 -10.17 11.14 17.46
C ALA A 305 -10.13 9.77 16.78
N ARG A 306 -9.22 9.57 15.84
CA ARG A 306 -9.14 8.29 15.17
C ARG A 306 -8.53 7.25 16.11
N PRO A 307 -8.98 6.00 16.01
CA PRO A 307 -8.24 4.94 16.69
C PRO A 307 -6.78 4.89 16.23
N THR A 308 -5.90 4.40 17.10
CA THR A 308 -4.52 4.12 16.70
C THR A 308 -4.55 2.83 15.94
N ILE A 309 -3.45 2.54 15.28
CA ILE A 309 -3.35 1.32 14.50
C ILE A 309 -3.51 0.10 15.40
N ASN A 310 -3.06 0.20 16.66
CA ASN A 310 -3.12 -0.95 17.57
C ASN A 310 -4.50 -1.24 18.13
N GLU A 311 -5.39 -0.25 18.10
CA GLU A 311 -6.77 -0.43 18.60
C GLU A 311 -7.62 -1.28 17.65
N LEU A 312 -7.31 -1.17 16.36
CA LEU A 312 -8.19 -1.60 15.27
C LEU A 312 -8.70 -3.03 15.25
N LEU A 313 -7.82 -4.00 15.49
CA LEU A 313 -8.22 -5.40 15.37
C LEU A 313 -9.11 -5.82 16.52
N ASN A 314 -9.14 -5.01 17.58
CA ASN A 314 -10.02 -5.23 18.73
C ASN A 314 -11.38 -4.57 18.57
N ASP A 315 -11.65 -4.09 17.37
CA ASP A 315 -12.96 -3.55 17.06
C ASP A 315 -13.94 -4.67 16.79
N GLU A 316 -15.17 -4.48 17.25
CA GLU A 316 -16.27 -5.36 16.93
C GLU A 316 -16.21 -5.93 15.50
N PHE A 317 -15.96 -5.04 14.55
CA PHE A 317 -15.89 -5.43 13.13
C PHE A 317 -15.07 -6.69 12.91
N PHE A 318 -13.94 -6.78 13.61
CA PHE A 318 -13.10 -7.96 13.52
C PHE A 318 -13.53 -9.06 14.49
N THR A 319 -13.67 -8.71 15.77
CA THR A 319 -13.87 -9.69 16.84
C THR A 319 -15.22 -10.39 16.84
N SER A 320 -16.24 -9.83 16.19
CA SER A 320 -17.55 -10.47 16.20
C SER A 320 -18.03 -10.80 14.79
N GLY A 321 -17.13 -10.82 13.83
CA GLY A 321 -17.47 -11.24 12.48
C GLY A 321 -16.53 -12.34 12.02
N TYR A 322 -16.98 -13.10 11.01
CA TYR A 322 -16.19 -14.18 10.44
C TYR A 322 -14.99 -13.63 9.68
N ILE A 323 -13.81 -14.11 10.05
CA ILE A 323 -12.58 -13.78 9.36
C ILE A 323 -12.02 -15.06 8.77
N PRO A 324 -12.08 -15.22 7.44
CA PRO A 324 -11.47 -16.39 6.82
C PRO A 324 -9.99 -16.55 7.19
N ALA A 325 -9.54 -17.80 7.26
CA ALA A 325 -8.13 -18.10 7.47
C ALA A 325 -7.36 -17.85 6.19
N ARG A 326 -8.04 -18.08 5.07
CA ARG A 326 -7.44 -17.93 3.75
C ARG A 326 -8.56 -17.78 2.75
N LEU A 327 -8.24 -17.21 1.59
CA LEU A 327 -9.19 -17.10 0.48
C LEU A 327 -8.75 -18.00 -0.68
N PRO A 328 -9.71 -18.69 -1.32
CA PRO A 328 -9.41 -19.40 -2.56
C PRO A 328 -9.17 -18.44 -3.74
N ILE A 329 -8.46 -18.92 -4.75
CA ILE A 329 -8.15 -18.10 -5.93
C ILE A 329 -9.40 -17.69 -6.71
N THR A 330 -10.47 -18.45 -6.56
CA THR A 330 -11.73 -18.08 -7.17
C THR A 330 -12.13 -16.66 -6.77
N CYS A 331 -11.68 -16.23 -5.58
CA CYS A 331 -12.01 -14.92 -5.04
C CYS A 331 -11.52 -13.75 -5.87
N LEU A 332 -10.58 -14.00 -6.77
CA LEU A 332 -10.16 -12.98 -7.72
C LEU A 332 -11.29 -12.58 -8.67
N THR A 333 -12.25 -13.49 -8.86
CA THR A 333 -13.27 -13.39 -9.91
C THR A 333 -14.70 -13.52 -9.38
N ILE A 334 -14.98 -14.58 -8.63
CA ILE A 334 -16.32 -14.85 -8.10
C ILE A 334 -16.41 -14.40 -6.63
N PRO A 335 -17.56 -13.83 -6.22
CA PRO A 335 -17.77 -13.60 -4.80
C PRO A 335 -17.86 -14.93 -4.04
N PRO A 336 -17.19 -15.03 -2.89
CA PRO A 336 -17.27 -16.25 -2.09
C PRO A 336 -18.49 -16.28 -1.16
N ARG A 337 -19.13 -17.44 -1.08
CA ARG A 337 -20.28 -17.64 -0.21
C ARG A 337 -19.88 -18.20 1.16
N PHE A 338 -18.67 -18.76 1.25
CA PHE A 338 -18.16 -19.31 2.51
C PHE A 338 -19.03 -20.42 3.09
N SER A 339 -19.29 -21.43 2.26
CA SER A 339 -20.16 -22.52 2.65
C SER A 339 -19.51 -23.39 3.70
N ILE A 340 -20.36 -24.06 4.45
CA ILE A 340 -19.92 -24.86 5.56
C ILE A 340 -19.48 -26.25 5.12
N ALA A 341 -20.01 -26.75 4.01
CA ALA A 341 -19.52 -28.00 3.43
C ALA A 341 -19.82 -28.04 1.95
N PRO A 342 -18.92 -28.66 1.16
CA PRO A 342 -19.09 -28.75 -0.31
C PRO A 342 -20.14 -29.78 -0.74
N SER A 343 -20.43 -29.84 -2.03
CA SER A 343 -21.40 -30.80 -2.60
C SER A 343 -20.70 -31.80 -3.51
#